data_7UL4
#
_entry.id   7UL4
#
_cell.length_a   1.00
_cell.length_b   1.00
_cell.length_c   1.00
_cell.angle_alpha   90.00
_cell.angle_beta   90.00
_cell.angle_gamma   90.00
#
_symmetry.space_group_name_H-M   'P 1'
#
loop_
_entity.id
_entity.type
_entity.pdbx_description
1 polymer 'Mu-type opioid receptor'
2 polymer 'Megabody 6'
3 non-polymer N-[(2S)-2-{[(3R,4R)-4-(3-hydroxyphenyl)-3,4-dimethylpiperidin-1-yl]methyl}-3-phenylpropanoyl]glycine
4 water water
#
loop_
_entity_poly.entity_id
_entity_poly.type
_entity_poly.pdbx_seq_one_letter_code
_entity_poly.pdbx_strand_id
1 'polypeptide(L)'
;MKTIIALSYIFCLVFADYKDDDDAMGPGNISDCSDPLAPASCSPAPGSWLNLSHVDGNQSDPCGPNRTGLGGSHSLCPQT
GSPSMVTAITIMALYSIVCVVGLFGNFLVMYVIVRYTKMKTATNIYIFNLALADALATSTLPFQSVNYLMGTWPFGNILC
KIVISIDYYNMFTSIFTLCTMSVDRYIAVCHPVKALDFRTPRNAKIVNVCNWILSSAIGLPVMFMATTKYRQGSIDCTLT
FSHPTWYWENLLKICVFIFAFIMPVLIITVCYGLMILRLKSVRLLSGSREKDRNLRRITRMVLVVVAVFIVCWTPIHIYV
IIKALITIPETTFQTVSWHFCIALGYTNSCLNPVLYAFLDENFKRCFREFCIPTSSTIEQQNSARIRQNTREHPSTANTV
DRTNHQLENLEAETAPLPDIHHHHHH
;
A
2 'polypeptide(L)'
;QVQLQESGGGLVRKTTTSVIDTTNDAQNLLTQAQTIVNTLKDYCPILIAKSSSSNGGTNNANTPSWQTAGGGKNSCATFG
AEFSAASDMINNAQKIVQETQQLSANQPKNITQPHNLNLNSPSSLTALAQKMLKNAQSQAEILKLANQVESDFNKLSSGH
LKDYIGKCDASAISSANMTMQNQKNNWGNGCAGVEETQSLLKTSAADFNNQTPQINQAQNLANTLIQELGNNTYEQLSRL
LTNDNGTNSKTSAQAINQAVNNLNERAKTLAGGTTNSPAYQATLLALRSVLGLWNSMGYAVICGGYTKSPGENNQKDFHY
TDENGNGTTINCGGSTNSNGTHSYNGTNTLKADKNVSLSIEQYEKIHEAYQILSKALKQAGLAPLNSKGEKLEAHVTTSK
PSLRLSCAASGTIFRLYDMGWYRRVSGNQRELVASITSGGSTKYGDSVKGRFTISRDNAKNTVYLQMSSLKPEDTAVYYC
NAEYRTGIWEELLDGWGQGTQVTVSSHHHHHHEPEA
;
D
#
# COMPACT_ATOMS: atom_id res chain seq x y z
N MET A 85 4.29 28.13 20.74
CA MET A 85 4.02 27.77 22.12
C MET A 85 3.21 26.49 22.18
N VAL A 86 1.90 26.62 22.41
CA VAL A 86 1.05 25.44 22.59
C VAL A 86 1.16 24.51 21.39
N THR A 87 1.18 25.08 20.19
CA THR A 87 1.28 24.27 18.98
C THR A 87 2.60 23.51 18.93
N ALA A 88 3.69 24.17 19.31
CA ALA A 88 5.00 23.51 19.26
C ALA A 88 5.05 22.33 20.24
N ILE A 89 4.49 22.50 21.44
CA ILE A 89 4.48 21.41 22.42
C ILE A 89 3.60 20.26 21.93
N THR A 90 2.45 20.58 21.34
CA THR A 90 1.60 19.52 20.81
C THR A 90 2.33 18.74 19.72
N ILE A 91 3.03 19.45 18.85
CA ILE A 91 3.73 18.79 17.76
C ILE A 91 4.80 17.88 18.32
N MET A 92 5.54 18.36 19.32
CA MET A 92 6.61 17.53 19.86
C MET A 92 6.05 16.25 20.47
N ALA A 93 4.93 16.37 21.19
CA ALA A 93 4.34 15.22 21.84
C ALA A 93 3.89 14.17 20.83
N LEU A 94 3.13 14.61 19.82
CA LEU A 94 2.67 13.67 18.80
C LEU A 94 3.83 13.09 18.01
N TYR A 95 4.83 13.91 17.67
CA TYR A 95 5.92 13.44 16.84
C TYR A 95 6.71 12.35 17.54
N SER A 96 6.94 12.51 18.86
CA SER A 96 7.64 11.51 19.71
C SER A 96 6.84 10.22 19.81
N ILE A 97 5.52 10.28 19.92
CA ILE A 97 4.63 9.08 19.93
C ILE A 97 4.68 8.38 18.56
N VAL A 98 4.66 9.11 17.45
CA VAL A 98 4.75 8.55 16.06
C VAL A 98 6.18 8.06 15.82
N CYS A 99 7.19 8.59 16.52
CA CYS A 99 8.62 8.25 16.30
C CYS A 99 8.98 6.92 16.97
N VAL A 100 8.53 6.68 18.20
CA VAL A 100 8.87 5.44 18.89
C VAL A 100 8.06 4.30 18.30
N VAL A 101 6.75 4.52 18.08
CA VAL A 101 5.95 3.43 17.51
C VAL A 101 6.44 3.09 16.11
N GLY A 102 6.71 4.09 15.26
CA GLY A 102 7.10 3.78 13.90
C GLY A 102 8.44 3.09 13.83
N LEU A 103 9.42 3.58 14.59
CA LEU A 103 10.74 2.96 14.52
C LEU A 103 10.68 1.51 15.00
N PHE A 104 9.96 1.25 16.10
CA PHE A 104 9.88 -0.12 16.60
C PHE A 104 9.18 -1.04 15.60
N GLY A 105 8.03 -0.61 15.07
CA GLY A 105 7.27 -1.47 14.16
C GLY A 105 8.04 -1.79 12.88
N ASN A 106 8.72 -0.80 12.32
CA ASN A 106 9.40 -1.06 11.06
C ASN A 106 10.74 -1.73 11.28
N PHE A 107 11.29 -1.71 12.49
CA PHE A 107 12.44 -2.56 12.71
C PHE A 107 11.99 -4.01 12.79
N LEU A 108 10.84 -4.23 13.43
CA LEU A 108 10.35 -5.58 13.66
C LEU A 108 10.03 -6.27 12.33
N VAL A 109 9.38 -5.54 11.41
CA VAL A 109 9.01 -6.14 10.12
C VAL A 109 10.24 -6.60 9.35
N MET A 110 11.26 -5.75 9.27
CA MET A 110 12.48 -6.11 8.57
C MET A 110 13.18 -7.30 9.24
N TYR A 111 13.22 -7.31 10.58
CA TYR A 111 13.88 -8.41 11.25
C TYR A 111 13.19 -9.72 10.93
N VAL A 112 11.86 -9.74 10.94
CA VAL A 112 11.12 -10.96 10.67
C VAL A 112 11.35 -11.45 9.25
N ILE A 113 11.36 -10.53 8.28
CA ILE A 113 11.60 -10.95 6.90
C ILE A 113 13.00 -11.57 6.77
N VAL A 114 14.00 -10.97 7.41
CA VAL A 114 15.35 -11.52 7.33
C VAL A 114 15.47 -12.85 8.06
N ARG A 115 14.88 -12.96 9.26
CA ARG A 115 15.08 -14.10 10.15
C ARG A 115 14.49 -15.41 9.63
N TYR A 116 13.25 -15.39 9.14
CA TYR A 116 12.55 -16.62 8.77
C TYR A 116 12.59 -16.88 7.27
N THR A 117 13.00 -18.10 6.91
CA THR A 117 13.15 -18.47 5.50
C THR A 117 11.81 -18.50 4.76
N LYS A 118 10.74 -18.95 5.42
CA LYS A 118 9.46 -19.03 4.74
C LYS A 118 9.00 -17.67 4.24
N MET A 119 9.31 -16.61 4.98
CA MET A 119 8.78 -15.28 4.67
C MET A 119 9.19 -14.78 3.29
N LYS A 120 10.39 -15.11 2.83
CA LYS A 120 10.86 -14.56 1.57
C LYS A 120 9.92 -14.89 0.41
N THR A 121 9.43 -13.87 -0.28
CA THR A 121 8.52 -13.96 -1.46
C THR A 121 8.80 -12.69 -2.26
N ALA A 122 8.30 -12.53 -3.48
CA ALA A 122 8.42 -11.28 -4.27
C ALA A 122 7.70 -10.13 -3.57
N THR A 123 6.51 -10.37 -3.02
CA THR A 123 5.72 -9.36 -2.29
C THR A 123 6.47 -8.92 -1.03
N ASN A 124 7.12 -9.84 -0.33
CA ASN A 124 7.83 -9.56 0.93
C ASN A 124 9.03 -8.67 0.64
N ILE A 125 9.73 -8.86 -0.50
CA ILE A 125 10.86 -7.97 -0.90
C ILE A 125 10.30 -6.55 -1.06
N TYR A 126 9.14 -6.38 -1.68
CA TYR A 126 8.49 -5.05 -1.87
C TYR A 126 8.05 -4.45 -0.53
N ILE A 127 7.48 -5.23 0.38
CA ILE A 127 7.02 -4.78 1.72
C ILE A 127 8.24 -4.33 2.54
N PHE A 128 9.38 -5.01 2.43
CA PHE A 128 10.64 -4.66 3.12
C PHE A 128 11.16 -3.29 2.65
N ASN A 129 11.01 -2.93 1.36
CA ASN A 129 11.44 -1.64 0.85
C ASN A 129 10.58 -0.50 1.40
N LEU A 130 9.27 -0.73 1.45
CA LEU A 130 8.36 0.23 2.08
C LEU A 130 8.74 0.51 3.54
N ALA A 131 9.17 -0.51 4.28
CA ALA A 131 9.39 -0.29 5.70
C ALA A 131 10.76 0.30 5.97
N LEU A 132 11.71 0.07 5.07
CA LEU A 132 12.95 0.80 5.11
C LEU A 132 12.69 2.30 4.97
N ALA A 133 11.97 2.68 3.90
CA ALA A 133 11.65 4.09 3.72
C ALA A 133 10.90 4.68 4.91
N ASP A 134 10.07 3.90 5.61
CA ASP A 134 9.36 4.51 6.75
C ASP A 134 10.22 4.58 8.01
N ALA A 135 11.27 3.77 8.12
CA ALA A 135 12.16 3.92 9.27
C ALA A 135 12.99 5.19 9.08
N LEU A 136 13.49 5.39 7.86
CA LEU A 136 14.24 6.60 7.59
C LEU A 136 13.34 7.83 7.76
N ALA A 137 12.05 7.70 7.42
CA ALA A 137 11.16 8.84 7.59
C ALA A 137 10.91 9.15 9.06
N THR A 138 10.93 8.16 9.94
CA THR A 138 10.56 8.45 11.32
C THR A 138 11.75 8.89 12.17
N SER A 139 12.96 8.47 11.80
CA SER A 139 14.16 8.91 12.51
C SER A 139 14.42 10.42 12.45
N THR A 140 13.85 11.15 11.48
CA THR A 140 14.00 12.61 11.42
C THR A 140 13.12 13.41 12.38
N LEU A 141 11.99 12.89 12.84
CA LEU A 141 10.98 13.74 13.48
C LEU A 141 11.37 14.42 14.79
N PRO A 142 12.35 13.90 15.55
CA PRO A 142 12.76 14.64 16.75
C PRO A 142 13.47 15.96 16.45
N PHE A 143 14.32 16.01 15.43
CA PHE A 143 14.99 17.27 15.13
C PHE A 143 13.97 18.34 14.74
N GLN A 144 12.96 17.96 13.96
CA GLN A 144 11.95 18.93 13.55
C GLN A 144 11.16 19.40 14.74
N SER A 145 10.82 18.47 15.66
CA SER A 145 10.07 18.87 16.83
C SER A 145 10.87 19.86 17.68
N VAL A 146 12.17 19.62 17.85
CA VAL A 146 13.02 20.56 18.58
C VAL A 146 13.10 21.90 17.84
N ASN A 147 13.12 21.86 16.51
CA ASN A 147 13.18 23.11 15.75
C ASN A 147 11.94 23.95 15.99
N TYR A 148 10.77 23.31 15.97
CA TYR A 148 9.53 24.03 16.25
C TYR A 148 9.50 24.52 17.68
N LEU A 149 9.97 23.71 18.63
CA LEU A 149 9.93 24.13 20.03
C LEU A 149 10.83 25.33 20.29
N MET A 150 12.05 25.31 19.77
CA MET A 150 13.04 26.34 20.09
C MET A 150 12.98 27.55 19.17
N GLY A 151 12.27 27.47 18.04
CA GLY A 151 12.19 28.57 17.09
C GLY A 151 13.40 28.71 16.21
N THR A 152 14.42 27.89 16.40
CA THR A 152 15.69 28.00 15.70
C THR A 152 16.14 26.61 15.31
N TRP A 153 16.90 26.51 14.21
CA TRP A 153 17.53 25.24 13.86
C TRP A 153 18.96 25.25 14.39
N PRO A 154 19.29 24.45 15.40
CA PRO A 154 20.66 24.40 15.92
C PRO A 154 21.50 23.21 15.48
N PHE A 155 21.03 22.40 14.55
CA PHE A 155 21.70 21.16 14.19
C PHE A 155 22.69 21.27 13.03
N GLY A 156 22.93 22.44 12.45
CA GLY A 156 23.95 22.56 11.44
C GLY A 156 23.43 22.39 10.02
N ASN A 157 24.34 22.66 9.07
CA ASN A 157 24.01 22.61 7.66
C ASN A 157 23.82 21.18 7.15
N ILE A 158 24.77 20.30 7.46
CA ILE A 158 24.77 18.98 6.83
C ILE A 158 23.52 18.21 7.23
N LEU A 159 23.19 18.25 8.51
CA LEU A 159 21.97 17.59 9.00
C LEU A 159 20.77 18.26 8.35
N CYS A 160 20.80 19.55 8.00
CA CYS A 160 19.69 20.22 7.24
C CYS A 160 19.55 19.61 5.84
N LYS A 161 20.66 19.34 5.15
CA LYS A 161 20.67 18.78 3.78
C LYS A 161 20.19 17.32 3.80
N ILE A 162 20.49 16.55 4.83
CA ILE A 162 20.04 15.17 4.96
C ILE A 162 18.54 15.09 5.26
N VAL A 163 18.06 15.91 6.20
CA VAL A 163 16.65 15.82 6.58
C VAL A 163 15.76 16.18 5.41
N ILE A 164 16.12 17.21 4.64
CA ILE A 164 15.23 17.64 3.55
C ILE A 164 15.25 16.61 2.41
N SER A 165 16.43 16.07 2.11
CA SER A 165 16.49 15.08 1.05
C SER A 165 15.64 13.87 1.45
N ILE A 166 15.72 13.45 2.71
CA ILE A 166 14.92 12.33 3.18
C ILE A 166 13.44 12.63 3.02
N ASP A 167 13.06 13.89 3.24
CA ASP A 167 11.65 14.27 3.14
C ASP A 167 11.13 13.99 1.73
N TYR A 168 11.91 14.37 0.70
CA TYR A 168 11.54 14.06 -0.69
C TYR A 168 11.64 12.55 -1.02
N TYR A 169 12.66 11.88 -0.52
CA TYR A 169 12.83 10.46 -0.79
C TYR A 169 11.64 9.65 -0.28
N ASN A 170 11.11 10.03 0.88
CA ASN A 170 9.97 9.30 1.42
C ASN A 170 8.87 9.24 0.36
N MET A 171 8.51 10.39 -0.19
CA MET A 171 7.38 10.49 -1.13
C MET A 171 7.64 9.69 -2.40
N PHE A 172 8.83 9.83 -3.00
CA PHE A 172 9.03 9.18 -4.29
C PHE A 172 9.21 7.67 -4.15
N THR A 173 10.02 7.22 -3.19
CA THR A 173 10.22 5.79 -3.06
C THR A 173 8.93 5.10 -2.65
N SER A 174 8.15 5.71 -1.76
CA SER A 174 6.95 5.04 -1.29
C SER A 174 5.93 4.89 -2.42
N ILE A 175 5.77 5.92 -3.26
CA ILE A 175 4.75 5.81 -4.30
C ILE A 175 5.20 4.81 -5.37
N PHE A 176 6.49 4.78 -5.69
CA PHE A 176 6.94 3.84 -6.72
C PHE A 176 6.92 2.40 -6.21
N THR A 177 7.27 2.16 -4.95
CA THR A 177 7.18 0.80 -4.40
C THR A 177 5.75 0.30 -4.40
N LEU A 178 4.77 1.14 -4.06
CA LEU A 178 3.39 0.68 -4.18
C LEU A 178 3.01 0.39 -5.63
N CYS A 179 3.49 1.21 -6.58
CA CYS A 179 3.17 0.96 -7.99
C CYS A 179 3.73 -0.37 -8.48
N THR A 180 4.98 -0.67 -8.13
CA THR A 180 5.56 -1.95 -8.55
C THR A 180 4.85 -3.12 -7.87
N MET A 181 4.47 -2.95 -6.61
CA MET A 181 3.69 -3.99 -5.94
C MET A 181 2.42 -4.31 -6.72
N SER A 182 1.71 -3.28 -7.16
CA SER A 182 0.44 -3.49 -7.86
C SER A 182 0.65 -4.17 -9.21
N VAL A 183 1.69 -3.78 -9.94
CA VAL A 183 1.98 -4.48 -11.20
C VAL A 183 2.37 -5.93 -10.95
N ASP A 184 3.13 -6.20 -9.89
CA ASP A 184 3.48 -7.59 -9.57
C ASP A 184 2.22 -8.41 -9.29
N ARG A 185 1.25 -7.83 -8.58
CA ARG A 185 0.05 -8.61 -8.30
C ARG A 185 -0.79 -8.76 -9.55
N TYR A 186 -0.62 -7.85 -10.53
CA TYR A 186 -1.34 -7.98 -11.78
C TYR A 186 -0.76 -9.10 -12.62
N ILE A 187 0.55 -9.19 -12.68
CA ILE A 187 1.15 -10.27 -13.45
C ILE A 187 0.75 -11.60 -12.85
N ALA A 188 0.76 -11.68 -11.51
CA ALA A 188 0.42 -12.93 -10.85
C ALA A 188 -1.04 -13.34 -11.12
N VAL A 189 -1.97 -12.38 -11.04
CA VAL A 189 -3.39 -12.71 -11.23
C VAL A 189 -3.75 -13.01 -12.68
N CYS A 190 -3.23 -12.24 -13.65
CA CYS A 190 -3.75 -12.33 -15.01
C CYS A 190 -2.90 -13.13 -16.01
N HIS A 191 -1.62 -13.34 -15.75
CA HIS A 191 -0.73 -14.05 -16.69
C HIS A 191 0.08 -15.10 -15.94
N PRO A 192 -0.58 -16.13 -15.40
CA PRO A 192 0.14 -17.08 -14.55
C PRO A 192 1.23 -17.85 -15.26
N VAL A 193 1.00 -18.24 -16.52
CA VAL A 193 1.98 -19.08 -17.22
C VAL A 193 3.28 -18.31 -17.33
N LYS A 194 3.20 -17.03 -17.65
CA LYS A 194 4.39 -16.21 -17.74
C LYS A 194 4.66 -15.47 -16.44
N ALA A 195 3.69 -15.49 -15.51
CA ALA A 195 3.93 -14.92 -14.18
C ALA A 195 5.01 -15.70 -13.47
N LEU A 196 5.03 -17.02 -13.68
CA LEU A 196 5.96 -17.86 -12.94
C LEU A 196 7.42 -17.48 -13.20
N ASP A 197 7.75 -17.18 -14.45
CA ASP A 197 9.14 -16.82 -14.78
C ASP A 197 9.57 -15.48 -14.20
N PHE A 198 8.69 -14.47 -14.19
CA PHE A 198 9.07 -13.11 -13.82
C PHE A 198 8.89 -12.78 -12.34
N ARG A 199 8.34 -13.67 -11.53
CA ARG A 199 8.09 -13.39 -10.12
C ARG A 199 9.15 -13.97 -9.20
N THR A 200 10.31 -14.35 -9.72
CA THR A 200 11.39 -14.77 -8.86
C THR A 200 11.87 -13.61 -7.99
N PRO A 201 12.31 -13.88 -6.75
CA PRO A 201 12.63 -12.76 -5.84
C PRO A 201 13.76 -11.88 -6.30
N ARG A 202 14.77 -12.43 -6.97
CA ARG A 202 15.90 -11.61 -7.40
C ARG A 202 15.40 -10.47 -8.28
N ASN A 203 14.39 -10.75 -9.09
CA ASN A 203 13.81 -9.70 -9.93
C ASN A 203 13.25 -8.57 -9.09
N ALA A 204 12.62 -8.91 -7.97
CA ALA A 204 12.10 -7.89 -7.06
C ALA A 204 13.23 -7.06 -6.46
N LYS A 205 14.34 -7.70 -6.12
CA LYS A 205 15.47 -6.96 -5.57
C LYS A 205 16.05 -5.99 -6.60
N ILE A 206 16.19 -6.43 -7.85
CA ILE A 206 16.66 -5.52 -8.89
C ILE A 206 15.66 -4.40 -9.11
N VAL A 207 14.37 -4.71 -9.04
CA VAL A 207 13.35 -3.68 -9.21
C VAL A 207 13.50 -2.60 -8.14
N ASN A 208 13.72 -3.02 -6.89
CA ASN A 208 13.86 -2.06 -5.79
C ASN A 208 15.11 -1.20 -5.94
N VAL A 209 16.23 -1.78 -6.37
CA VAL A 209 17.42 -0.96 -6.61
C VAL A 209 17.14 0.05 -7.72
N CYS A 210 16.45 -0.37 -8.77
CA CYS A 210 16.12 0.57 -9.85
C CYS A 210 15.21 1.68 -9.34
N ASN A 211 14.30 1.35 -8.44
CA ASN A 211 13.44 2.38 -7.83
C ASN A 211 14.24 3.44 -7.09
N TRP A 212 15.25 3.04 -6.33
CA TRP A 212 16.06 4.05 -5.64
C TRP A 212 16.89 4.87 -6.63
N ILE A 213 17.43 4.22 -7.66
CA ILE A 213 18.25 4.96 -8.62
C ILE A 213 17.39 5.97 -9.35
N LEU A 214 16.16 5.61 -9.71
CA LEU A 214 15.28 6.57 -10.36
C LEU A 214 14.93 7.72 -9.42
N SER A 215 14.60 7.43 -8.17
CA SER A 215 14.21 8.50 -7.24
C SER A 215 15.35 9.47 -6.94
N SER A 216 16.60 9.05 -7.15
CA SER A 216 17.72 9.97 -6.92
C SER A 216 17.68 11.17 -7.84
N ALA A 217 17.12 11.03 -9.05
CA ALA A 217 17.10 12.15 -10.00
C ALA A 217 16.40 13.37 -9.41
N ILE A 218 15.31 13.15 -8.67
CA ILE A 218 14.66 14.23 -7.95
C ILE A 218 15.36 14.50 -6.62
N GLY A 219 15.83 13.45 -5.95
CA GLY A 219 16.33 13.61 -4.60
C GLY A 219 17.62 14.39 -4.47
N LEU A 220 18.60 14.09 -5.32
CA LEU A 220 19.93 14.71 -5.18
C LEU A 220 19.96 16.21 -5.42
N PRO A 221 19.27 16.73 -6.44
CA PRO A 221 19.21 18.20 -6.56
C PRO A 221 18.65 18.88 -5.32
N VAL A 222 17.63 18.29 -4.70
CA VAL A 222 17.08 18.89 -3.49
C VAL A 222 18.15 18.91 -2.40
N MET A 223 18.95 17.85 -2.29
CA MET A 223 20.00 17.83 -1.28
C MET A 223 21.03 18.91 -1.55
N PHE A 224 21.42 19.05 -2.82
CA PHE A 224 22.44 20.03 -3.18
C PHE A 224 21.95 21.45 -2.90
N MET A 225 20.66 21.72 -3.08
CA MET A 225 20.14 23.08 -2.93
C MET A 225 19.99 23.50 -1.46
N ALA A 226 19.45 22.61 -0.61
CA ALA A 226 19.09 22.96 0.76
C ALA A 226 20.22 23.69 1.49
N THR A 227 19.84 24.63 2.36
CA THR A 227 20.80 25.50 3.04
C THR A 227 20.25 25.96 4.39
N THR A 228 21.18 26.39 5.25
CA THR A 228 20.85 27.05 6.51
C THR A 228 20.96 28.55 6.28
N LYS A 229 19.83 29.24 6.30
CA LYS A 229 19.79 30.69 6.10
C LYS A 229 19.81 31.40 7.44
N TYR A 230 20.78 32.29 7.62
CA TYR A 230 20.98 32.96 8.91
C TYR A 230 20.12 34.22 9.00
N ARG A 231 18.82 34.00 9.19
CA ARG A 231 17.92 35.12 9.43
C ARG A 231 18.28 35.78 10.75
N GLN A 232 18.14 37.11 10.81
CA GLN A 232 18.54 37.83 12.01
C GLN A 232 17.81 37.30 13.23
N GLY A 233 16.51 37.03 13.10
CA GLY A 233 15.76 36.51 14.23
C GLY A 233 16.24 35.14 14.68
N SER A 234 16.40 34.22 13.73
CA SER A 234 16.79 32.86 14.04
C SER A 234 17.25 32.16 12.79
N ILE A 235 18.12 31.16 12.97
CA ILE A 235 18.54 30.28 11.88
C ILE A 235 17.34 29.56 11.29
N ASP A 236 17.28 29.47 9.96
CA ASP A 236 16.21 28.72 9.24
C ASP A 236 16.90 27.61 8.46
N CYS A 237 16.19 26.56 8.08
CA CYS A 237 16.70 25.45 7.25
C CYS A 237 15.70 25.37 6.09
N THR A 238 16.10 25.65 4.84
CA THR A 238 15.14 25.76 3.70
C THR A 238 15.76 25.31 2.38
N LEU A 239 15.11 25.52 1.24
CA LEU A 239 15.57 25.23 -0.11
C LEU A 239 15.82 26.52 -0.88
N THR A 240 17.03 26.68 -1.41
CA THR A 240 17.43 27.88 -2.15
C THR A 240 17.30 27.65 -3.65
N PHE A 241 16.46 28.46 -4.31
CA PHE A 241 16.17 28.35 -5.74
C PHE A 241 16.88 29.46 -6.52
N SER A 242 17.22 29.15 -7.76
CA SER A 242 17.86 30.12 -8.64
C SER A 242 16.85 31.17 -9.08
N THR A 245 12.85 33.05 -9.29
CA THR A 245 12.37 32.08 -8.32
C THR A 245 11.10 31.38 -8.80
N TRP A 246 10.23 32.11 -9.49
CA TRP A 246 8.96 31.54 -9.91
C TRP A 246 9.16 30.34 -10.81
N TYR A 247 10.03 30.48 -11.81
CA TYR A 247 10.30 29.39 -12.74
C TYR A 247 10.87 28.18 -12.03
N TRP A 248 11.81 28.37 -11.10
CA TRP A 248 12.48 27.22 -10.52
C TRP A 248 11.72 26.59 -9.37
N GLU A 249 10.77 27.29 -8.77
CA GLU A 249 10.08 26.79 -7.58
C GLU A 249 8.73 26.19 -7.95
N ASN A 250 7.98 26.89 -8.82
CA ASN A 250 6.73 26.33 -9.28
C ASN A 250 7.00 25.08 -10.11
N LEU A 251 8.18 25.02 -10.75
CA LEU A 251 8.57 23.83 -11.51
C LEU A 251 8.76 22.63 -10.61
N LEU A 252 9.42 22.81 -9.46
CA LEU A 252 9.61 21.68 -8.56
C LEU A 252 8.27 21.21 -8.01
N LYS A 253 7.41 22.15 -7.61
CA LYS A 253 6.10 21.74 -7.10
C LYS A 253 5.26 21.01 -8.16
N ILE A 254 5.29 21.49 -9.42
CA ILE A 254 4.53 20.82 -10.47
C ILE A 254 5.06 19.42 -10.72
N CYS A 255 6.39 19.26 -10.79
CA CYS A 255 6.92 17.94 -11.07
C CYS A 255 6.55 16.98 -9.97
N VAL A 256 6.58 17.43 -8.72
CA VAL A 256 6.19 16.54 -7.63
C VAL A 256 4.72 16.18 -7.75
N PHE A 257 3.87 17.13 -8.12
CA PHE A 257 2.45 16.82 -8.27
C PHE A 257 2.19 15.82 -9.40
N ILE A 258 2.95 15.90 -10.50
CA ILE A 258 2.67 15.07 -11.66
C ILE A 258 3.33 13.69 -11.56
N PHE A 259 4.66 13.67 -11.50
CA PHE A 259 5.37 12.39 -11.55
C PHE A 259 5.18 11.56 -10.29
N ALA A 260 5.14 12.17 -9.13
CA ALA A 260 5.08 11.41 -7.89
C ALA A 260 3.68 11.30 -7.33
N PHE A 261 2.64 11.69 -8.06
CA PHE A 261 1.30 11.47 -7.56
C PHE A 261 0.31 10.96 -8.61
N ILE A 262 0.04 11.76 -9.64
CA ILE A 262 -1.05 11.45 -10.58
C ILE A 262 -0.76 10.20 -11.41
N MET A 263 0.42 10.13 -12.03
CA MET A 263 0.69 9.03 -12.96
C MET A 263 0.72 7.68 -12.29
N PRO A 264 1.42 7.49 -11.15
CA PRO A 264 1.35 6.19 -10.49
C PRO A 264 -0.06 5.85 -10.02
N VAL A 265 -0.85 6.83 -9.60
CA VAL A 265 -2.23 6.54 -9.22
C VAL A 265 -3.02 6.02 -10.41
N LEU A 266 -2.82 6.58 -11.60
CA LEU A 266 -3.51 6.03 -12.78
C LEU A 266 -3.03 4.60 -13.09
N ILE A 267 -1.73 4.35 -13.01
CA ILE A 267 -1.24 3.00 -13.29
C ILE A 267 -1.89 2.02 -12.32
N ILE A 268 -1.97 2.39 -11.04
CA ILE A 268 -2.53 1.52 -10.02
C ILE A 268 -4.02 1.29 -10.29
N THR A 269 -4.74 2.34 -10.68
CA THR A 269 -6.18 2.20 -10.85
C THR A 269 -6.47 1.27 -12.01
N VAL A 270 -5.72 1.39 -13.11
CA VAL A 270 -5.95 0.51 -14.24
C VAL A 270 -5.60 -0.94 -13.89
N CYS A 271 -4.49 -1.17 -13.19
CA CYS A 271 -4.15 -2.55 -12.82
C CYS A 271 -5.22 -3.19 -11.93
N TYR A 272 -5.71 -2.45 -10.92
CA TYR A 272 -6.80 -3.01 -10.12
C TYR A 272 -8.11 -3.16 -10.88
N GLY A 273 -8.43 -2.28 -11.82
CA GLY A 273 -9.64 -2.51 -12.59
C GLY A 273 -9.57 -3.80 -13.39
N LEU A 274 -8.43 -4.03 -14.04
CA LEU A 274 -8.26 -5.28 -14.79
C LEU A 274 -8.25 -6.51 -13.86
N MET A 275 -7.56 -6.43 -12.71
CA MET A 275 -7.60 -7.56 -11.78
C MET A 275 -9.00 -7.83 -11.25
N ILE A 276 -9.78 -6.79 -10.93
CA ILE A 276 -11.14 -7.01 -10.47
C ILE A 276 -11.96 -7.68 -11.56
N LEU A 277 -11.69 -7.32 -12.82
CA LEU A 277 -12.39 -8.00 -13.91
C LEU A 277 -12.06 -9.48 -13.92
N ARG A 278 -10.78 -9.84 -13.78
CA ARG A 278 -10.43 -11.25 -13.80
C ARG A 278 -11.07 -11.99 -12.61
N LEU A 279 -10.95 -11.42 -11.41
CA LEU A 279 -11.43 -12.13 -10.23
C LEU A 279 -12.95 -12.34 -10.24
N LYS A 280 -13.72 -11.43 -10.81
CA LYS A 280 -15.16 -11.58 -10.67
C LYS A 280 -15.71 -12.76 -11.48
N SER A 281 -15.04 -13.21 -12.54
CA SER A 281 -15.61 -14.21 -13.44
C SER A 281 -14.80 -15.51 -13.55
N VAL A 282 -13.91 -15.82 -12.61
CA VAL A 282 -13.15 -17.07 -12.62
C VAL A 282 -13.57 -17.94 -11.45
N ARG A 283 -13.78 -19.23 -11.74
CA ARG A 283 -14.05 -20.21 -10.69
C ARG A 283 -12.81 -20.52 -9.84
N LEU A 284 -11.67 -20.74 -10.47
CA LEU A 284 -10.42 -20.96 -9.74
C LEU A 284 -9.30 -20.21 -10.44
N LEU A 285 -8.37 -19.69 -9.65
CA LEU A 285 -7.31 -18.85 -10.20
C LEU A 285 -6.00 -19.58 -10.39
N SER A 286 -5.72 -20.63 -9.59
CA SER A 286 -4.45 -21.32 -9.67
C SER A 286 -4.61 -22.84 -9.68
N GLY A 287 -5.81 -23.32 -9.97
CA GLY A 287 -6.07 -24.75 -9.92
C GLY A 287 -6.36 -25.29 -8.54
N SER A 288 -5.41 -25.13 -7.62
CA SER A 288 -5.60 -25.56 -6.23
C SER A 288 -6.45 -24.56 -5.45
N ARG A 289 -7.36 -25.08 -4.62
CA ARG A 289 -8.24 -24.22 -3.83
C ARG A 289 -7.46 -23.37 -2.84
N GLU A 290 -6.45 -23.96 -2.19
CA GLU A 290 -5.63 -23.21 -1.25
C GLU A 290 -4.86 -22.10 -1.95
N LYS A 291 -4.32 -22.38 -3.14
CA LYS A 291 -3.57 -21.37 -3.86
C LYS A 291 -4.48 -20.21 -4.23
N ASP A 292 -5.74 -20.53 -4.58
CA ASP A 292 -6.72 -19.50 -4.91
C ASP A 292 -6.94 -18.59 -3.71
N ARG A 293 -7.13 -19.18 -2.53
CA ARG A 293 -7.43 -18.36 -1.36
C ARG A 293 -6.23 -17.50 -0.98
N ASN A 294 -5.03 -18.06 -1.07
CA ASN A 294 -3.84 -17.28 -0.74
C ASN A 294 -3.68 -16.10 -1.69
N LEU A 295 -3.93 -16.34 -2.98
CA LEU A 295 -3.77 -15.28 -3.98
C LEU A 295 -4.72 -14.13 -3.69
N ARG A 296 -5.97 -14.45 -3.36
CA ARG A 296 -6.95 -13.40 -3.11
C ARG A 296 -6.66 -12.65 -1.82
N ARG A 297 -6.11 -13.34 -0.82
CA ARG A 297 -5.79 -12.66 0.43
C ARG A 297 -4.65 -11.66 0.25
N ILE A 298 -3.59 -12.07 -0.44
CA ILE A 298 -2.47 -11.14 -0.62
C ILE A 298 -2.92 -9.94 -1.45
N THR A 299 -3.76 -10.17 -2.46
CA THR A 299 -4.22 -9.07 -3.29
C THR A 299 -5.02 -8.05 -2.46
N ARG A 300 -5.89 -8.54 -1.58
CA ARG A 300 -6.64 -7.61 -0.75
C ARG A 300 -5.73 -6.83 0.21
N MET A 301 -4.71 -7.48 0.78
CA MET A 301 -3.85 -6.76 1.71
C MET A 301 -3.16 -5.60 1.00
N VAL A 302 -2.66 -5.85 -0.22
CA VAL A 302 -1.96 -4.80 -0.95
C VAL A 302 -2.91 -3.64 -1.27
N LEU A 303 -4.16 -3.97 -1.60
CA LEU A 303 -5.11 -2.90 -1.89
C LEU A 303 -5.35 -2.02 -0.68
N VAL A 304 -5.44 -2.62 0.51
CA VAL A 304 -5.70 -1.81 1.70
C VAL A 304 -4.52 -0.87 1.98
N VAL A 305 -3.30 -1.37 1.81
CA VAL A 305 -2.13 -0.50 2.02
C VAL A 305 -2.16 0.68 1.05
N VAL A 306 -2.47 0.43 -0.22
CA VAL A 306 -2.51 1.52 -1.20
C VAL A 306 -3.54 2.57 -0.80
N ALA A 307 -4.73 2.12 -0.41
CA ALA A 307 -5.79 3.07 -0.10
C ALA A 307 -5.42 3.93 1.10
N VAL A 308 -4.81 3.33 2.13
CA VAL A 308 -4.43 4.08 3.31
C VAL A 308 -3.40 5.15 2.97
N PHE A 309 -2.42 4.81 2.12
CA PHE A 309 -1.42 5.80 1.74
C PHE A 309 -2.04 6.97 0.99
N ILE A 310 -2.96 6.69 0.07
CA ILE A 310 -3.58 7.78 -0.69
C ILE A 310 -4.37 8.70 0.23
N VAL A 311 -5.12 8.13 1.17
CA VAL A 311 -5.91 8.95 2.07
C VAL A 311 -5.00 9.81 2.96
N CYS A 312 -3.89 9.26 3.43
CA CYS A 312 -3.00 10.06 4.26
C CYS A 312 -2.30 11.17 3.48
N TRP A 313 -1.96 10.96 2.21
CA TRP A 313 -1.15 11.96 1.51
C TRP A 313 -1.89 12.95 0.62
N THR A 314 -3.15 12.71 0.25
CA THR A 314 -3.80 13.63 -0.70
C THR A 314 -3.94 15.06 -0.19
N PRO A 315 -4.39 15.31 1.06
CA PRO A 315 -4.65 16.70 1.48
C PRO A 315 -3.44 17.64 1.45
N ILE A 316 -2.26 17.19 1.84
CA ILE A 316 -1.09 18.07 1.74
C ILE A 316 -0.81 18.39 0.27
N HIS A 317 -1.00 17.42 -0.62
CA HIS A 317 -0.72 17.65 -2.04
C HIS A 317 -1.65 18.71 -2.61
N ILE A 318 -2.93 18.64 -2.26
CA ILE A 318 -3.86 19.66 -2.74
C ILE A 318 -3.57 21.01 -2.10
N TYR A 319 -3.17 21.01 -0.83
CA TYR A 319 -2.91 22.27 -0.14
C TYR A 319 -1.76 23.02 -0.80
N VAL A 320 -0.73 22.31 -1.23
CA VAL A 320 0.42 22.98 -1.84
C VAL A 320 0.01 23.72 -3.11
N ILE A 321 -0.84 23.09 -3.93
CA ILE A 321 -1.31 23.71 -5.16
C ILE A 321 -2.24 24.88 -4.86
N ILE A 322 -3.20 24.69 -3.95
CA ILE A 322 -4.16 25.77 -3.70
C ILE A 322 -3.49 26.95 -3.05
N LYS A 323 -2.40 26.72 -2.31
CA LYS A 323 -1.64 27.82 -1.75
C LYS A 323 -0.82 28.53 -2.82
N ALA A 324 -0.32 27.79 -3.81
CA ALA A 324 0.54 28.44 -4.81
C ALA A 324 -0.21 29.50 -5.61
N LEU A 325 -1.49 29.28 -5.90
CA LEU A 325 -2.22 30.13 -6.84
C LEU A 325 -3.17 31.15 -6.22
N ILE A 326 -3.28 31.25 -4.89
CA ILE A 326 -4.34 32.07 -4.30
C ILE A 326 -3.86 33.11 -3.31
N THR A 327 -2.66 33.04 -2.75
CA THR A 327 -2.24 34.01 -1.74
C THR A 327 -3.27 34.09 -0.60
N ILE A 328 -3.40 32.96 0.10
CA ILE A 328 -4.31 32.88 1.25
C ILE A 328 -3.87 33.89 2.31
N PRO A 329 -4.79 34.59 2.98
CA PRO A 329 -4.37 35.49 4.06
C PRO A 329 -3.88 34.71 5.26
N GLU A 330 -2.92 35.29 5.98
CA GLU A 330 -2.36 34.64 7.15
C GLU A 330 -3.30 34.80 8.34
N THR A 331 -3.64 33.69 8.97
CA THR A 331 -4.55 33.64 10.10
C THR A 331 -4.32 32.34 10.85
N THR A 332 -4.90 32.24 12.04
CA THR A 332 -4.61 31.08 12.89
C THR A 332 -5.03 29.80 12.17
N PHE A 333 -6.16 29.85 11.47
CA PHE A 333 -6.67 28.67 10.81
C PHE A 333 -5.63 28.15 9.82
N GLN A 334 -4.95 29.07 9.14
CA GLN A 334 -4.01 28.69 8.10
C GLN A 334 -2.85 27.90 8.69
N THR A 335 -2.29 28.40 9.79
CA THR A 335 -1.12 27.76 10.39
C THR A 335 -1.48 26.41 10.98
N VAL A 336 -2.64 26.33 11.65
CA VAL A 336 -2.99 25.08 12.32
C VAL A 336 -3.32 24.02 11.28
N SER A 337 -4.16 24.36 10.30
CA SER A 337 -4.51 23.41 9.25
C SER A 337 -3.26 22.93 8.51
N TRP A 338 -2.32 23.84 8.25
CA TRP A 338 -1.12 23.47 7.51
C TRP A 338 -0.34 22.40 8.27
N HIS A 339 -0.16 22.62 9.58
CA HIS A 339 0.63 21.68 10.35
C HIS A 339 -0.10 20.36 10.51
N PHE A 340 -1.42 20.40 10.65
CA PHE A 340 -2.20 19.17 10.77
C PHE A 340 -2.06 18.29 9.53
N CYS A 341 -2.13 18.89 8.34
CA CYS A 341 -1.95 18.10 7.11
C CYS A 341 -0.54 17.50 7.02
N ILE A 342 0.49 18.27 7.39
CA ILE A 342 1.83 17.68 7.42
C ILE A 342 1.89 16.54 8.43
N ALA A 343 1.24 16.71 9.58
CA ALA A 343 1.27 15.68 10.61
C ALA A 343 0.62 14.38 10.14
N LEU A 344 -0.50 14.48 9.41
CA LEU A 344 -1.15 13.29 8.87
C LEU A 344 -0.22 12.53 7.93
N GLY A 345 0.40 13.27 7.00
CA GLY A 345 1.28 12.63 6.06
C GLY A 345 2.41 11.90 6.75
N TYR A 346 2.99 12.51 7.79
CA TYR A 346 4.02 11.79 8.56
C TYR A 346 3.45 10.62 9.35
N THR A 347 2.23 10.75 9.89
CA THR A 347 1.65 9.69 10.71
C THR A 347 1.53 8.39 9.94
N ASN A 348 1.29 8.45 8.63
CA ASN A 348 1.13 7.20 7.88
C ASN A 348 2.34 6.25 8.02
N SER A 349 3.53 6.78 8.30
CA SER A 349 4.71 5.93 8.41
C SER A 349 4.61 4.84 9.47
N CYS A 350 3.93 5.10 10.57
CA CYS A 350 3.80 4.09 11.63
C CYS A 350 2.61 3.14 11.45
N LEU A 351 1.64 3.48 10.59
CA LEU A 351 0.41 2.68 10.49
C LEU A 351 0.62 1.28 9.88
N ASN A 352 1.51 1.13 8.90
CA ASN A 352 1.56 -0.13 8.16
C ASN A 352 1.90 -1.37 8.99
N PRO A 353 2.88 -1.35 9.89
CA PRO A 353 3.18 -2.57 10.65
C PRO A 353 1.98 -3.15 11.38
N VAL A 354 0.94 -2.37 11.64
CA VAL A 354 -0.19 -2.89 12.39
C VAL A 354 -1.10 -3.64 11.43
N LEU A 355 -1.23 -3.10 10.21
CA LEU A 355 -2.02 -3.75 9.18
C LEU A 355 -1.38 -5.08 8.76
N TYR A 356 -0.05 -5.13 8.65
CA TYR A 356 0.58 -6.41 8.31
C TYR A 356 0.19 -7.48 9.31
N ALA A 357 0.08 -7.12 10.58
CA ALA A 357 -0.14 -8.12 11.61
C ALA A 357 -1.60 -8.55 11.63
N PHE A 358 -2.52 -7.59 11.56
CA PHE A 358 -3.93 -7.97 11.48
C PHE A 358 -4.24 -8.76 10.21
N LEU A 359 -3.65 -8.40 9.07
CA LEU A 359 -4.06 -8.95 7.78
C LEU A 359 -3.22 -10.10 7.23
N ASP A 360 -2.11 -10.47 7.85
CA ASP A 360 -1.31 -11.58 7.35
C ASP A 360 -1.05 -12.58 8.46
N GLU A 361 -1.37 -13.85 8.20
CA GLU A 361 -1.17 -14.89 9.20
C GLU A 361 0.29 -15.09 9.51
N ASN A 362 1.14 -15.07 8.49
CA ASN A 362 2.56 -15.32 8.70
C ASN A 362 3.19 -14.21 9.53
N PHE A 363 2.89 -12.94 9.21
CA PHE A 363 3.43 -11.84 9.99
C PHE A 363 2.92 -11.90 11.43
N LYS A 364 1.63 -12.16 11.61
CA LYS A 364 1.06 -12.22 12.95
C LYS A 364 1.77 -13.29 13.77
N ARG A 365 1.97 -14.46 13.17
CA ARG A 365 2.62 -15.56 13.86
C ARG A 365 4.04 -15.18 14.24
N CYS A 366 4.81 -14.63 13.30
CA CYS A 366 6.20 -14.30 13.59
C CYS A 366 6.27 -13.23 14.68
N PHE A 367 5.37 -12.25 14.66
CA PHE A 367 5.39 -11.23 15.70
C PHE A 367 5.12 -11.85 17.07
N ARG A 368 4.15 -12.75 17.14
CA ARG A 368 3.87 -13.36 18.44
C ARG A 368 5.07 -14.17 18.92
N GLU A 369 5.67 -14.96 18.02
CA GLU A 369 6.84 -15.75 18.40
C GLU A 369 8.02 -14.87 18.81
N PHE A 370 8.17 -13.72 18.16
CA PHE A 370 9.22 -12.77 18.52
C PHE A 370 8.99 -12.20 19.91
N CYS A 371 7.77 -11.77 20.19
CA CYS A 371 7.50 -11.16 21.48
C CYS A 371 7.67 -12.18 22.59
N ILE A 372 7.15 -13.39 22.38
CA ILE A 372 7.22 -14.44 23.38
C ILE A 372 8.24 -15.49 22.95
N LEU B 405 -36.82 -33.72 -10.10
CA LEU B 405 -35.89 -33.62 -8.98
C LEU B 405 -34.90 -32.49 -9.21
N SER B 406 -35.12 -31.38 -8.53
CA SER B 406 -34.30 -30.19 -8.66
C SER B 406 -33.48 -29.97 -7.40
N CYS B 407 -32.42 -29.17 -7.53
CA CYS B 407 -31.53 -28.86 -6.43
C CYS B 407 -31.39 -27.34 -6.35
N ALA B 408 -32.43 -26.68 -5.84
CA ALA B 408 -32.44 -25.23 -5.79
C ALA B 408 -31.50 -24.74 -4.71
N ALA B 409 -31.06 -23.50 -4.87
CA ALA B 409 -30.12 -22.86 -3.95
C ALA B 409 -30.67 -21.51 -3.52
N SER B 410 -30.44 -21.17 -2.25
CA SER B 410 -30.86 -19.89 -1.71
C SER B 410 -29.74 -19.39 -0.81
N GLY B 411 -30.00 -18.28 -0.11
CA GLY B 411 -29.02 -17.76 0.83
C GLY B 411 -28.16 -16.70 0.20
N THR B 412 -27.20 -16.22 0.98
CA THR B 412 -26.32 -15.15 0.56
C THR B 412 -25.12 -15.76 -0.13
N ILE B 413 -25.09 -15.67 -1.46
CA ILE B 413 -23.99 -16.20 -2.27
C ILE B 413 -23.55 -15.12 -3.25
N PHE B 414 -22.26 -14.81 -3.23
CA PHE B 414 -21.72 -13.89 -4.23
C PHE B 414 -21.75 -14.50 -5.63
N ARG B 415 -21.27 -15.74 -5.78
CA ARG B 415 -21.31 -16.42 -7.07
C ARG B 415 -21.50 -17.91 -6.86
N LEU B 416 -22.32 -18.53 -7.70
CA LEU B 416 -22.56 -19.96 -7.68
C LEU B 416 -21.82 -20.57 -8.87
N TYR B 417 -21.04 -21.64 -8.65
CA TYR B 417 -20.15 -22.09 -9.73
C TYR B 417 -20.55 -23.38 -10.46
N ASP B 418 -20.30 -24.54 -9.88
CA ASP B 418 -20.63 -25.84 -10.47
C ASP B 418 -21.70 -26.54 -9.66
N MET B 419 -22.77 -26.97 -10.32
CA MET B 419 -23.83 -27.66 -9.61
C MET B 419 -23.86 -29.12 -10.05
N GLY B 420 -24.38 -30.00 -9.20
CA GLY B 420 -24.31 -31.42 -9.54
C GLY B 420 -25.19 -32.29 -8.67
N TRP B 421 -25.35 -33.52 -9.14
CA TRP B 421 -26.06 -34.59 -8.44
C TRP B 421 -25.12 -35.73 -8.11
N TYR B 422 -25.10 -36.13 -6.84
CA TYR B 422 -24.19 -37.17 -6.37
C TYR B 422 -24.99 -38.24 -5.64
N ARG B 423 -24.79 -39.50 -6.04
CA ARG B 423 -25.53 -40.60 -5.46
C ARG B 423 -25.22 -40.78 -3.98
N LEU B 432 -22.14 -38.90 -8.58
CA LEU B 432 -21.46 -38.34 -9.73
C LEU B 432 -22.32 -38.46 -10.98
N VAL B 433 -23.63 -38.57 -10.80
CA VAL B 433 -24.53 -38.82 -11.92
C VAL B 433 -24.44 -37.70 -12.95
N ALA B 434 -24.43 -36.44 -12.51
CA ALA B 434 -24.44 -35.33 -13.45
C ALA B 434 -23.75 -34.12 -12.86
N SER B 435 -23.15 -33.32 -13.75
CA SER B 435 -22.53 -32.04 -13.43
C SER B 435 -22.96 -31.01 -14.47
N ILE B 436 -23.38 -29.83 -14.02
CA ILE B 436 -23.69 -28.69 -14.89
C ILE B 436 -22.83 -27.51 -14.47
N THR B 437 -22.01 -27.02 -15.39
CA THR B 437 -21.22 -25.82 -15.18
C THR B 437 -22.07 -24.57 -15.40
N SER B 438 -21.57 -23.44 -14.90
CA SER B 438 -22.33 -22.20 -15.00
C SER B 438 -22.59 -21.82 -16.44
N GLY B 439 -21.60 -22.01 -17.31
CA GLY B 439 -21.79 -21.78 -18.73
C GLY B 439 -22.87 -22.66 -19.33
N GLY B 440 -22.98 -23.89 -18.84
CA GLY B 440 -23.89 -24.88 -19.39
C GLY B 440 -23.20 -26.13 -19.89
N SER B 441 -21.88 -26.23 -19.78
CA SER B 441 -21.19 -27.48 -20.09
C SER B 441 -21.69 -28.56 -19.14
N THR B 442 -21.95 -29.75 -19.66
CA THR B 442 -22.57 -30.80 -18.87
C THR B 442 -21.78 -32.09 -18.98
N LYS B 443 -21.71 -32.81 -17.85
CA LYS B 443 -21.09 -34.11 -17.78
C LYS B 443 -22.10 -35.10 -17.23
N THR B 453 -27.84 -34.50 -18.46
CA THR B 453 -29.22 -34.10 -18.66
C THR B 453 -29.67 -33.12 -17.58
N ILE B 454 -28.78 -32.19 -17.23
CA ILE B 454 -29.01 -31.22 -16.19
C ILE B 454 -29.14 -29.84 -16.82
N SER B 455 -30.21 -29.13 -16.48
CA SER B 455 -30.46 -27.78 -16.96
C SER B 455 -30.45 -26.82 -15.78
N ARG B 456 -29.62 -25.78 -15.86
CA ARG B 456 -29.45 -24.82 -14.77
C ARG B 456 -29.84 -23.43 -15.25
N ASP B 457 -30.65 -22.74 -14.45
CA ASP B 457 -31.03 -21.35 -14.71
C ASP B 457 -30.36 -20.45 -13.69
N ASN B 458 -29.55 -19.52 -14.17
CA ASN B 458 -28.85 -18.59 -13.29
C ASN B 458 -29.84 -17.72 -12.52
N ASN B 461 -31.81 -19.70 -10.34
CA ASN B 461 -30.82 -20.03 -9.32
C ASN B 461 -30.90 -21.50 -8.94
N THR B 462 -31.46 -22.32 -9.82
CA THR B 462 -31.66 -23.73 -9.55
C THR B 462 -31.26 -24.57 -10.75
N VAL B 463 -30.92 -25.84 -10.47
CA VAL B 463 -30.67 -26.83 -11.50
C VAL B 463 -31.73 -27.92 -11.38
N TYR B 464 -32.15 -28.45 -12.52
CA TYR B 464 -33.09 -29.57 -12.61
C TYR B 464 -32.46 -30.67 -13.44
N LEU B 465 -32.48 -31.90 -12.94
CA LEU B 465 -31.86 -33.03 -13.64
C LEU B 465 -32.90 -33.85 -14.40
N ALA B 476 -31.67 -45.61 -4.86
CA ALA B 476 -30.67 -45.01 -4.01
C ALA B 476 -30.90 -43.52 -3.87
N VAL B 477 -30.74 -43.00 -2.65
CA VAL B 477 -30.94 -41.58 -2.41
C VAL B 477 -29.86 -40.80 -3.16
N TYR B 478 -30.24 -39.66 -3.70
CA TYR B 478 -29.32 -38.77 -4.40
C TYR B 478 -29.29 -37.42 -3.72
N TYR B 479 -28.13 -36.76 -3.78
CA TYR B 479 -27.93 -35.52 -3.05
C TYR B 479 -27.43 -34.39 -3.95
N CYS B 480 -28.08 -33.24 -3.79
CA CYS B 480 -27.67 -31.98 -4.39
C CYS B 480 -26.29 -31.55 -3.90
N ASN B 481 -25.43 -31.12 -4.83
CA ASN B 481 -24.15 -30.53 -4.48
C ASN B 481 -24.02 -29.21 -5.23
N ALA B 482 -23.48 -28.18 -4.56
CA ALA B 482 -23.23 -26.93 -5.26
C ALA B 482 -22.00 -26.23 -4.72
N GLU B 483 -21.22 -25.64 -5.62
CA GLU B 483 -20.02 -24.88 -5.30
C GLU B 483 -20.34 -23.39 -5.28
N TYR B 484 -19.65 -22.65 -4.41
CA TYR B 484 -20.00 -21.25 -4.26
C TYR B 484 -18.85 -20.47 -3.63
N ARG B 485 -18.94 -19.14 -3.74
CA ARG B 485 -18.06 -18.17 -3.10
C ARG B 485 -18.92 -17.10 -2.46
N THR B 486 -18.73 -16.87 -1.17
CA THR B 486 -19.48 -15.85 -0.44
C THR B 486 -19.05 -14.43 -0.83
N GLY B 487 -17.76 -14.21 -1.11
CA GLY B 487 -17.28 -12.89 -1.46
C GLY B 487 -16.15 -12.93 -2.46
N ILE B 488 -15.82 -11.76 -3.00
CA ILE B 488 -14.81 -11.67 -4.07
C ILE B 488 -13.48 -12.20 -3.58
N TRP B 489 -13.14 -11.90 -2.33
CA TRP B 489 -11.85 -12.28 -1.75
C TRP B 489 -11.92 -13.58 -0.96
N GLU B 490 -13.08 -14.23 -0.91
CA GLU B 490 -13.26 -15.43 -0.12
C GLU B 490 -12.79 -16.67 -0.90
N GLU B 491 -13.02 -17.84 -0.32
CA GLU B 491 -12.47 -19.10 -0.81
C GLU B 491 -13.61 -20.01 -1.28
N LEU B 492 -13.30 -20.86 -2.26
CA LEU B 492 -14.31 -21.74 -2.85
C LEU B 492 -14.78 -22.79 -1.85
N LEU B 493 -16.10 -22.88 -1.69
CA LEU B 493 -16.77 -23.80 -0.78
C LEU B 493 -17.75 -24.68 -1.54
N ASP B 494 -18.26 -25.68 -0.84
CA ASP B 494 -19.25 -26.62 -1.37
C ASP B 494 -20.34 -26.82 -0.33
N GLY B 495 -21.57 -26.93 -0.80
CA GLY B 495 -22.72 -27.18 0.04
C GLY B 495 -23.55 -28.35 -0.44
N TRP B 496 -23.71 -29.35 0.43
CA TRP B 496 -24.53 -30.51 0.14
C TRP B 496 -25.97 -30.27 0.58
N GLY B 497 -26.80 -31.29 0.38
CA GLY B 497 -28.22 -31.19 0.68
C GLY B 497 -28.68 -32.36 1.51
N GLN B 498 -29.93 -32.27 1.96
CA GLN B 498 -30.52 -33.32 2.77
C GLN B 498 -30.82 -34.55 1.91
#